data_7WRZ
#
_entry.id   7WRZ
#
_cell.length_a   1.00
_cell.length_b   1.00
_cell.length_c   1.00
_cell.angle_alpha   90.00
_cell.angle_beta   90.00
_cell.angle_gamma   90.00
#
_symmetry.space_group_name_H-M   'P 1'
#
loop_
_entity.id
_entity.type
_entity.pdbx_description
1 polymer BD55-5840H
2 polymer BD55-5840L
3 polymer 'Spike protein S1'
4 branched 2-acetamido-2-deoxy-beta-D-glucopyranose-(1-4)-2-acetamido-2-deoxy-beta-D-glucopyranose
#
loop_
_entity_poly.entity_id
_entity_poly.type
_entity_poly.pdbx_seq_one_letter_code
_entity_poly.pdbx_strand_id
1 'polypeptide(L)'
;VQLAQSGSELRKPGASVKVSCDTSGHSFTSNAIHWVRQAPGQGLEWMGWINTDTGTPTYAQGFTGRFVFSLDTSARTAYL
QISSLKADDTAVFYCARERDYSDYFFDYWGQGTLVTVSS
;
H
2 'polypeptide(L)'
;EVVMTQSPASLSVSPGERATLSCRARASLGISTDLAWYQQRPGQAPRLLIYGASTRATGIPARFSGSGSGTEFTLTISSL
QSEDSAVYYCQQYSNWPLTFGGGTKVEIK
;
L
3 'polypeptide(L)'
;LCPFDEVFNATRFASVYAWNRKRISNCVADYSVLYNLAPFFTFKCYGVSPTKLNDLCFTNVYADSFVIRGDEVRQIAPGQ
TGNIADYNYKLPDDFTGCVIAWNSNKLDSKVSGNYNYLYRLFRKSNLKPFERDISTEIYQAGNKPCNGVAGFNCYFPLRS
YSFRPTYGVGHQPYRVVVLSFELLHAPATVCGK
;
R
#
# COMPACT_ATOMS: atom_id res chain seq x y z
N VAL A 1 0.15 20.59 7.33
CA VAL A 1 0.24 20.49 5.89
C VAL A 1 1.59 21.06 5.48
N GLN A 2 2.30 21.65 6.47
CA GLN A 2 3.57 22.30 6.26
C GLN A 2 4.56 21.82 7.33
N LEU A 3 4.67 20.50 7.46
CA LEU A 3 5.68 19.86 8.31
C LEU A 3 7.03 20.55 8.17
N ALA A 4 7.64 20.92 9.28
CA ALA A 4 8.84 21.75 9.29
C ALA A 4 10.07 20.85 9.20
N GLN A 5 10.82 20.99 8.11
CA GLN A 5 12.06 20.25 7.93
C GLN A 5 13.26 21.14 8.20
N SER A 6 14.45 20.59 7.97
CA SER A 6 15.69 21.34 8.14
C SER A 6 16.01 22.13 6.87
N GLY A 7 16.94 23.06 6.99
CA GLY A 7 17.29 23.94 5.90
C GLY A 7 18.20 23.27 4.88
N SER A 8 18.53 24.05 3.85
CA SER A 8 19.42 23.58 2.79
C SER A 8 20.82 23.34 3.34
N GLU A 9 21.52 22.34 2.80
CA GLU A 9 22.83 21.99 3.33
C GLU A 9 23.82 21.60 2.24
N LEU A 10 25.03 22.14 2.33
CA LEU A 10 26.11 21.85 1.40
C LEU A 10 27.07 20.86 2.03
N ARG A 11 27.31 19.73 1.36
CA ARG A 11 28.17 18.69 1.88
C ARG A 11 29.12 18.24 0.79
N LYS A 12 30.40 18.12 1.12
CA LYS A 12 31.40 17.66 0.17
C LYS A 12 31.13 16.20 -0.17
N PRO A 13 31.54 15.72 -1.36
CA PRO A 13 31.30 14.32 -1.70
C PRO A 13 31.95 13.38 -0.70
N GLY A 14 31.23 12.32 -0.37
CA GLY A 14 31.70 11.34 0.60
C GLY A 14 31.31 11.62 2.04
N ALA A 15 30.73 12.79 2.32
CA ALA A 15 30.35 13.15 3.67
C ALA A 15 28.95 12.60 3.98
N SER A 16 28.39 13.02 5.11
CA SER A 16 27.07 12.58 5.54
C SER A 16 26.22 13.79 5.89
N VAL A 17 24.91 13.66 5.69
CA VAL A 17 23.98 14.77 5.84
C VAL A 17 22.84 14.35 6.76
N LYS A 18 22.38 15.30 7.57
CA LYS A 18 21.33 15.09 8.56
C LYS A 18 20.12 15.92 8.18
N VAL A 19 19.03 15.26 7.78
CA VAL A 19 17.80 15.93 7.39
C VAL A 19 16.74 15.60 8.42
N SER A 20 16.16 16.63 9.02
CA SER A 20 15.12 16.48 10.04
C SER A 20 13.75 16.78 9.46
N CYS A 21 12.72 16.36 10.18
CA CYS A 21 11.34 16.63 9.77
C CYS A 21 10.48 16.71 11.03
N ASP A 22 10.23 17.93 11.51
CA ASP A 22 9.35 18.12 12.65
C ASP A 22 7.90 17.91 12.23
N THR A 23 7.19 17.10 13.01
CA THR A 23 5.82 16.73 12.69
C THR A 23 4.82 17.18 13.76
N SER A 24 5.30 17.62 14.92
CA SER A 24 4.48 17.97 16.07
C SER A 24 3.55 19.15 15.84
N GLY A 25 3.47 19.73 14.65
CA GLY A 25 2.57 20.84 14.42
C GLY A 25 1.10 20.44 14.37
N HIS A 26 0.81 19.17 14.11
CA HIS A 26 -0.55 18.69 13.97
C HIS A 26 -0.70 17.37 14.72
N SER A 27 -1.92 16.85 14.74
CA SER A 27 -2.23 15.55 15.32
C SER A 27 -2.60 14.57 14.21
N PHE A 28 -1.89 13.46 14.15
CA PHE A 28 -2.01 12.50 13.06
C PHE A 28 -2.47 11.15 13.59
N THR A 29 -3.48 10.58 12.95
CA THR A 29 -3.92 9.22 13.26
C THR A 29 -3.28 8.22 12.28
N SER A 30 -1.95 8.25 12.24
CA SER A 30 -1.20 7.40 11.33
C SER A 30 0.12 7.01 11.97
N ASN A 31 0.63 5.83 11.60
CA ASN A 31 1.88 5.31 12.12
C ASN A 31 3.02 5.39 11.11
N ALA A 32 2.79 6.02 9.96
CA ALA A 32 3.78 6.04 8.89
C ALA A 32 4.08 7.47 8.48
N ILE A 33 5.36 7.79 8.38
CA ILE A 33 5.82 9.06 7.84
C ILE A 33 6.78 8.77 6.69
N HIS A 34 6.43 9.24 5.50
CA HIS A 34 7.09 8.84 4.27
C HIS A 34 8.09 9.89 3.81
N TRP A 35 9.12 9.43 3.11
CA TRP A 35 10.16 10.30 2.57
C TRP A 35 10.11 10.25 1.06
N VAL A 36 10.08 11.42 0.43
CA VAL A 36 10.03 11.56 -1.02
C VAL A 36 11.21 12.39 -1.48
N ARG A 37 11.91 11.91 -2.50
CA ARG A 37 13.06 12.60 -3.07
C ARG A 37 12.69 13.17 -4.44
N GLN A 38 13.06 14.41 -4.67
CA GLN A 38 12.86 15.05 -5.96
C GLN A 38 14.18 15.59 -6.47
N ALA A 39 14.56 15.15 -7.67
CA ALA A 39 15.79 15.62 -8.29
C ALA A 39 15.63 17.09 -8.65
N PRO A 40 16.76 17.80 -8.85
CA PRO A 40 16.66 19.24 -9.17
C PRO A 40 15.86 19.53 -10.43
N GLY A 41 15.76 18.60 -11.36
CA GLY A 41 14.98 18.85 -12.57
C GLY A 41 13.94 17.80 -12.87
N GLN A 42 14.08 16.61 -12.30
CA GLN A 42 13.21 15.48 -12.58
C GLN A 42 12.02 15.46 -11.63
N GLY A 43 11.26 14.37 -11.67
CA GLY A 43 10.04 14.26 -10.90
C GLY A 43 10.25 13.67 -9.52
N LEU A 44 9.13 13.36 -8.87
CA LEU A 44 9.16 12.86 -7.51
C LEU A 44 9.51 11.38 -7.49
N GLU A 45 10.35 11.00 -6.53
CA GLU A 45 10.76 9.62 -6.33
C GLU A 45 10.49 9.23 -4.89
N TRP A 46 9.75 8.14 -4.69
CA TRP A 46 9.42 7.67 -3.35
C TRP A 46 10.61 6.94 -2.77
N MET A 47 11.09 7.41 -1.62
CA MET A 47 12.24 6.80 -0.95
C MET A 47 11.84 5.63 -0.06
N GLY A 48 10.82 5.82 0.76
CA GLY A 48 10.38 4.80 1.69
C GLY A 48 9.65 5.45 2.84
N TRP A 49 9.51 4.70 3.92
CA TRP A 49 8.83 5.20 5.10
C TRP A 49 9.40 4.53 6.34
N ILE A 50 9.14 5.14 7.49
CA ILE A 50 9.52 4.59 8.77
C ILE A 50 8.27 4.50 9.65
N ASN A 51 8.14 3.39 10.36
CA ASN A 51 6.96 3.15 11.17
C ASN A 51 7.07 3.96 12.47
N THR A 52 6.15 4.91 12.65
CA THR A 52 6.13 5.67 13.89
C THR A 52 5.74 4.76 15.06
N ASP A 53 6.32 5.04 16.22
CA ASP A 53 6.13 4.29 17.45
C ASP A 53 6.63 2.85 17.34
N THR A 54 7.25 2.48 16.22
CA THR A 54 7.85 1.17 16.08
C THR A 54 9.28 1.33 15.57
N GLY A 55 9.53 2.36 14.78
CA GLY A 55 10.87 2.67 14.32
C GLY A 55 11.39 1.81 13.21
N THR A 56 10.56 0.96 12.60
CA THR A 56 11.03 0.04 11.57
C THR A 56 11.02 0.74 10.21
N PRO A 57 12.18 0.94 9.58
CA PRO A 57 12.22 1.63 8.29
C PRO A 57 11.98 0.69 7.11
N THR A 58 11.44 1.28 6.05
CA THR A 58 11.24 0.57 4.79
C THR A 58 11.79 1.44 3.68
N TYR A 59 12.50 0.82 2.74
CA TYR A 59 13.17 1.54 1.66
C TYR A 59 12.67 1.04 0.31
N ALA A 60 12.79 1.92 -0.69
CA ALA A 60 12.43 1.58 -2.05
C ALA A 60 13.55 0.75 -2.69
N GLN A 61 13.46 0.53 -4.00
CA GLN A 61 14.43 -0.32 -4.67
C GLN A 61 15.81 0.33 -4.71
N GLY A 62 15.88 1.59 -5.12
CA GLY A 62 17.13 2.27 -5.31
C GLY A 62 17.62 3.12 -4.15
N PHE A 63 16.89 3.17 -3.04
CA PHE A 63 17.21 4.03 -1.92
C PHE A 63 17.54 3.22 -0.68
N THR A 64 18.32 2.16 -0.85
CA THR A 64 18.71 1.28 0.26
C THR A 64 20.23 1.21 0.35
N GLY A 65 20.71 0.90 1.55
CA GLY A 65 22.14 0.81 1.80
C GLY A 65 22.73 2.09 2.37
N ARG A 66 22.70 3.17 1.60
CA ARG A 66 23.24 4.44 2.04
C ARG A 66 22.22 5.34 2.72
N PHE A 67 20.94 5.05 2.57
CA PHE A 67 19.86 5.87 3.11
C PHE A 67 19.30 5.21 4.36
N VAL A 68 19.27 5.94 5.47
CA VAL A 68 18.83 5.40 6.75
C VAL A 68 17.76 6.31 7.31
N PHE A 69 16.60 5.75 7.63
CA PHE A 69 15.53 6.48 8.29
C PHE A 69 15.59 6.24 9.79
N SER A 70 15.33 7.29 10.56
CA SER A 70 15.35 7.20 12.01
C SER A 70 14.31 8.14 12.58
N LEU A 71 13.90 7.87 13.81
CA LEU A 71 12.88 8.65 14.51
C LEU A 71 13.49 9.34 15.73
N ASP A 72 12.64 10.03 16.46
CA ASP A 72 13.00 10.69 17.71
C ASP A 72 12.68 9.78 18.89
N THR A 73 13.14 10.19 20.07
CA THR A 73 12.73 9.53 21.29
C THR A 73 11.24 9.69 21.54
N SER A 74 10.69 10.86 21.19
CA SER A 74 9.26 11.11 21.31
C SER A 74 8.48 10.61 20.10
N ALA A 75 9.15 10.05 19.10
CA ALA A 75 8.50 9.50 17.91
C ALA A 75 7.65 10.55 17.19
N ARG A 76 8.15 11.78 17.14
CA ARG A 76 7.51 12.86 16.41
C ARG A 76 8.34 13.34 15.23
N THR A 77 9.59 13.72 15.48
CA THR A 77 10.46 14.14 14.39
C THR A 77 11.17 12.93 13.79
N ALA A 78 11.18 12.85 12.47
CA ALA A 78 11.84 11.77 11.75
C ALA A 78 13.07 12.32 11.06
N TYR A 79 14.21 11.65 11.26
CA TYR A 79 15.48 12.07 10.67
C TYR A 79 15.80 11.20 9.45
N LEU A 80 16.61 11.78 8.56
CA LEU A 80 17.04 11.09 7.35
C LEU A 80 18.56 11.13 7.27
N GLN A 81 19.16 9.98 7.01
CA GLN A 81 20.61 9.85 6.93
C GLN A 81 21.00 9.45 5.52
N ILE A 82 21.88 10.23 4.91
CA ILE A 82 22.54 9.86 3.66
C ILE A 82 24.04 9.84 3.91
N SER A 83 24.66 8.71 3.64
CA SER A 83 26.09 8.54 3.85
C SER A 83 26.78 8.27 2.52
N SER A 84 28.05 8.65 2.44
CA SER A 84 28.83 8.55 1.20
C SER A 84 28.13 9.28 0.06
N LEU A 85 27.97 10.58 0.25
CA LEU A 85 27.25 11.41 -0.71
C LEU A 85 28.03 11.48 -2.02
N LYS A 86 27.34 11.26 -3.13
CA LYS A 86 27.91 11.42 -4.45
C LYS A 86 27.52 12.78 -5.03
N ALA A 87 28.24 13.19 -6.08
CA ALA A 87 27.93 14.45 -6.74
C ALA A 87 26.57 14.43 -7.42
N ASP A 88 25.96 13.27 -7.61
CA ASP A 88 24.65 13.14 -8.22
C ASP A 88 23.54 12.94 -7.18
N ASP A 89 23.86 13.09 -5.89
CA ASP A 89 22.87 12.93 -4.83
C ASP A 89 22.20 14.24 -4.43
N THR A 90 22.56 15.35 -5.06
CA THR A 90 21.91 16.62 -4.76
C THR A 90 20.46 16.57 -5.21
N ALA A 91 19.55 16.93 -4.30
CA ALA A 91 18.12 16.83 -4.56
C ALA A 91 17.39 17.50 -3.40
N VAL A 92 16.06 17.57 -3.54
CA VAL A 92 15.18 18.09 -2.51
C VAL A 92 14.45 16.90 -1.89
N PHE A 93 14.58 16.75 -0.58
CA PHE A 93 14.03 15.60 0.14
C PHE A 93 12.77 16.05 0.88
N TYR A 94 11.61 15.63 0.39
CA TYR A 94 10.34 16.00 0.97
C TYR A 94 9.91 14.99 2.02
N CYS A 95 9.34 15.50 3.10
CA CYS A 95 8.85 14.69 4.20
C CYS A 95 7.34 14.69 4.14
N ALA A 96 6.74 13.54 3.86
CA ALA A 96 5.31 13.42 3.65
C ALA A 96 4.70 12.54 4.74
N ARG A 97 3.57 12.97 5.27
CA ARG A 97 2.85 12.24 6.31
C ARG A 97 1.39 12.12 5.91
N GLU A 98 0.85 10.90 5.95
CA GLU A 98 -0.54 10.66 5.59
C GLU A 98 -1.46 11.11 6.71
N ARG A 99 -2.66 11.56 6.33
CA ARG A 99 -3.61 12.08 7.32
C ARG A 99 -4.18 10.95 8.16
N ASP A 100 -4.88 10.00 7.54
CA ASP A 100 -5.51 8.90 8.24
C ASP A 100 -4.69 7.63 8.10
N TYR A 101 -4.97 6.67 8.98
CA TYR A 101 -4.25 5.40 8.95
C TYR A 101 -4.62 4.61 7.70
N SER A 102 -3.60 3.98 7.10
CA SER A 102 -3.76 3.12 5.93
C SER A 102 -4.35 3.87 4.74
N ASP A 103 -4.20 5.19 4.72
CA ASP A 103 -4.52 6.02 3.57
C ASP A 103 -3.18 6.47 3.01
N TYR A 104 -2.66 5.71 2.05
CA TYR A 104 -1.26 5.85 1.67
C TYR A 104 -0.99 6.98 0.70
N PHE A 105 -1.90 7.94 0.59
CA PHE A 105 -1.65 9.20 -0.09
C PHE A 105 -1.25 10.25 0.94
N PHE A 106 -0.45 11.22 0.49
CA PHE A 106 0.22 12.16 1.39
C PHE A 106 -0.51 13.50 1.37
N ASP A 107 -1.41 13.69 2.33
CA ASP A 107 -2.10 14.97 2.47
C ASP A 107 -1.20 16.03 3.09
N TYR A 108 -0.29 15.64 3.97
CA TYR A 108 0.61 16.56 4.66
C TYR A 108 2.00 16.42 4.08
N TRP A 109 2.59 17.55 3.70
CA TRP A 109 3.90 17.57 3.04
C TRP A 109 4.84 18.52 3.77
N GLY A 110 6.12 18.18 3.73
CA GLY A 110 7.13 19.04 4.30
C GLY A 110 7.55 20.15 3.35
N GLN A 111 8.25 21.14 3.90
CA GLN A 111 8.70 22.27 3.12
C GLN A 111 9.76 21.89 2.09
N GLY A 112 10.52 20.82 2.35
CA GLY A 112 11.57 20.42 1.44
C GLY A 112 12.95 20.82 1.91
N THR A 113 13.88 19.87 1.92
CA THR A 113 15.26 20.12 2.30
C THR A 113 16.15 19.81 1.10
N LEU A 114 16.93 20.79 0.68
CA LEU A 114 17.77 20.66 -0.51
C LEU A 114 19.21 20.46 -0.08
N VAL A 115 19.74 19.28 -0.35
CA VAL A 115 21.16 19.01 -0.09
C VAL A 115 21.92 19.26 -1.38
N THR A 116 23.10 19.86 -1.24
CA THR A 116 23.95 20.16 -2.39
C THR A 116 25.30 19.49 -2.18
N VAL A 117 25.77 18.80 -3.21
CA VAL A 117 27.04 18.09 -3.16
C VAL A 117 27.98 18.79 -4.14
N SER A 118 28.87 19.62 -3.62
CA SER A 118 29.81 20.36 -4.44
C SER A 118 30.99 20.77 -3.57
N SER A 119 31.81 21.69 -4.07
CA SER A 119 32.96 22.19 -3.35
C SER A 119 33.08 23.71 -3.48
N GLU B 1 7.44 -3.29 -10.60
CA GLU B 1 6.76 -2.17 -9.97
C GLU B 1 5.71 -1.58 -10.90
N VAL B 2 4.74 -0.86 -10.34
CA VAL B 2 3.74 -0.17 -11.13
C VAL B 2 4.36 1.11 -11.70
N VAL B 3 4.48 1.18 -13.01
CA VAL B 3 5.11 2.33 -13.66
C VAL B 3 4.05 3.15 -14.38
N MET B 4 3.99 4.44 -14.08
CA MET B 4 3.09 5.37 -14.76
C MET B 4 3.71 5.89 -16.03
N THR B 5 2.88 6.03 -17.06
CA THR B 5 3.23 6.76 -18.28
C THR B 5 2.26 7.94 -18.32
N GLN B 6 2.62 9.01 -17.61
CA GLN B 6 1.76 10.18 -17.53
C GLN B 6 1.93 11.03 -18.78
N SER B 7 0.84 11.17 -19.54
CA SER B 7 0.89 11.88 -20.81
C SER B 7 -0.32 12.78 -20.91
N PRO B 8 -0.23 13.92 -21.62
CA PRO B 8 0.97 14.45 -22.29
C PRO B 8 2.03 14.93 -21.31
N ALA B 9 3.29 14.93 -21.74
CA ALA B 9 4.38 15.37 -20.89
C ALA B 9 4.34 16.87 -20.60
N SER B 10 3.62 17.64 -21.41
CA SER B 10 3.50 19.08 -21.21
C SER B 10 2.29 19.60 -21.97
N LEU B 11 1.39 20.26 -21.27
CA LEU B 11 0.24 20.90 -21.90
C LEU B 11 0.47 22.40 -22.03
N SER B 12 -0.25 23.00 -22.96
CA SER B 12 -0.26 24.45 -23.15
C SER B 12 -1.65 24.81 -23.66
N VAL B 13 -2.53 25.19 -22.73
CA VAL B 13 -3.92 25.45 -23.05
C VAL B 13 -4.34 26.79 -22.46
N SER B 14 -5.30 27.44 -23.12
CA SER B 14 -5.72 28.78 -22.75
C SER B 14 -6.49 28.76 -21.43
N PRO B 15 -6.57 29.90 -20.75
CA PRO B 15 -7.44 29.99 -19.57
C PRO B 15 -8.89 29.78 -19.94
N GLY B 16 -9.65 29.21 -19.00
CA GLY B 16 -11.05 28.93 -19.24
C GLY B 16 -11.31 27.75 -20.13
N GLU B 17 -10.30 26.92 -20.40
CA GLU B 17 -10.43 25.75 -21.26
C GLU B 17 -10.02 24.52 -20.48
N ARG B 18 -10.79 23.43 -20.66
CA ARG B 18 -10.52 22.20 -19.93
C ARG B 18 -9.16 21.64 -20.31
N ALA B 19 -8.39 21.23 -19.30
CA ALA B 19 -7.09 20.59 -19.50
C ALA B 19 -7.19 19.16 -18.97
N THR B 20 -7.07 18.20 -19.88
CA THR B 20 -7.20 16.79 -19.54
C THR B 20 -5.82 16.18 -19.37
N LEU B 21 -5.56 15.65 -18.18
CA LEU B 21 -4.29 15.00 -17.86
C LEU B 21 -4.53 13.52 -17.64
N SER B 22 -3.73 12.68 -18.29
CA SER B 22 -3.91 11.24 -18.23
C SER B 22 -2.71 10.59 -17.56
N CYS B 23 -2.99 9.49 -16.85
CA CYS B 23 -1.95 8.76 -16.12
C CYS B 23 -2.27 7.26 -16.23
N ARG B 24 -1.64 6.60 -17.20
CA ARG B 24 -1.79 5.16 -17.37
C ARG B 24 -0.73 4.42 -16.57
N ALA B 25 -1.13 3.31 -15.96
CA ALA B 25 -0.23 2.52 -15.11
C ALA B 25 -0.06 1.13 -15.69
N ARG B 26 1.19 0.68 -15.73
CA ARG B 26 1.52 -0.65 -16.26
C ARG B 26 1.33 -1.69 -15.15
N ALA B 27 0.08 -1.87 -14.77
CA ALA B 27 -0.33 -2.89 -13.81
C ALA B 27 -1.21 -3.91 -14.51
N SER B 28 -0.82 -5.19 -14.41
CA SER B 28 -1.56 -6.23 -15.11
C SER B 28 -2.98 -6.37 -14.58
N LEU B 29 -3.14 -6.40 -13.26
CA LEU B 29 -4.45 -6.57 -12.67
C LEU B 29 -5.19 -5.25 -12.44
N GLY B 30 -4.50 -4.12 -12.61
CA GLY B 30 -5.11 -2.82 -12.42
C GLY B 30 -4.90 -2.27 -11.03
N ILE B 31 -5.28 -1.00 -10.87
CA ILE B 31 -5.15 -0.32 -9.59
C ILE B 31 -6.46 -0.31 -8.83
N SER B 32 -7.58 -0.20 -9.54
CA SER B 32 -8.92 -0.11 -8.96
C SER B 32 -9.05 1.12 -8.05
N THR B 33 -8.92 2.28 -8.70
CA THR B 33 -9.21 3.60 -8.11
C THR B 33 -8.31 3.94 -6.93
N ASP B 34 -7.14 3.33 -6.83
CA ASP B 34 -6.16 3.71 -5.81
C ASP B 34 -5.11 4.63 -6.42
N LEU B 35 -5.55 5.82 -6.83
CA LEU B 35 -4.69 6.81 -7.44
C LEU B 35 -4.81 8.15 -6.72
N ALA B 36 -3.69 8.85 -6.61
CA ALA B 36 -3.64 10.14 -5.95
C ALA B 36 -3.01 11.16 -6.89
N TRP B 37 -3.66 12.31 -7.03
CA TRP B 37 -3.18 13.38 -7.90
C TRP B 37 -2.58 14.50 -7.05
N TYR B 38 -1.34 14.86 -7.34
CA TYR B 38 -0.64 15.92 -6.64
C TYR B 38 -0.36 17.08 -7.59
N GLN B 39 -0.17 18.26 -7.02
CA GLN B 39 0.13 19.45 -7.79
C GLN B 39 1.31 20.16 -7.16
N GLN B 40 2.38 20.32 -7.91
CA GLN B 40 3.59 20.99 -7.43
C GLN B 40 3.80 22.27 -8.23
N ARG B 41 3.31 23.38 -7.69
CA ARG B 41 3.62 24.67 -8.28
C ARG B 41 5.12 24.92 -8.15
N PRO B 42 5.72 25.65 -9.10
CA PRO B 42 7.16 25.95 -9.00
C PRO B 42 7.49 26.55 -7.64
N GLY B 43 8.52 26.01 -7.00
CA GLY B 43 8.79 26.37 -5.63
C GLY B 43 8.19 25.40 -4.63
N GLN B 44 6.98 25.72 -4.15
CA GLN B 44 6.35 25.04 -3.04
C GLN B 44 6.28 23.52 -3.24
N ALA B 45 6.06 22.82 -2.14
CA ALA B 45 5.99 21.38 -2.13
C ALA B 45 4.70 20.90 -2.80
N PRO B 46 4.65 19.62 -3.21
CA PRO B 46 3.42 19.10 -3.82
C PRO B 46 2.22 19.22 -2.90
N ARG B 47 1.07 19.49 -3.49
CA ARG B 47 -0.19 19.61 -2.78
C ARG B 47 -1.14 18.52 -3.26
N LEU B 48 -1.66 17.74 -2.33
CA LEU B 48 -2.58 16.66 -2.68
C LEU B 48 -3.87 17.24 -3.24
N LEU B 49 -4.15 16.98 -4.52
CA LEU B 49 -5.38 17.45 -5.14
C LEU B 49 -6.52 16.45 -4.96
N ILE B 50 -6.32 15.23 -5.46
CA ILE B 50 -7.37 14.23 -5.51
C ILE B 50 -6.82 12.92 -4.97
N TYR B 51 -7.43 12.41 -3.90
CA TYR B 51 -7.12 11.09 -3.38
C TYR B 51 -8.21 10.14 -3.81
N GLY B 52 -7.82 8.95 -4.26
CA GLY B 52 -8.75 8.07 -4.93
C GLY B 52 -8.96 8.54 -6.35
N ALA B 53 -9.79 7.79 -7.07
CA ALA B 53 -10.00 8.12 -8.47
C ALA B 53 -10.77 9.42 -8.66
N SER B 54 -11.78 9.66 -7.83
CA SER B 54 -12.73 10.74 -8.08
C SER B 54 -12.74 11.80 -6.98
N THR B 55 -12.84 11.40 -5.71
CA THR B 55 -13.06 12.37 -4.65
C THR B 55 -11.83 13.24 -4.43
N ARG B 56 -12.08 14.50 -4.09
CA ARG B 56 -11.04 15.51 -3.95
C ARG B 56 -10.70 15.74 -2.49
N ALA B 57 -9.49 16.24 -2.27
CA ALA B 57 -9.03 16.55 -0.92
C ALA B 57 -9.73 17.79 -0.38
N THR B 58 -9.60 18.00 0.92
CA THR B 58 -10.26 19.12 1.57
C THR B 58 -9.59 20.43 1.17
N GLY B 59 -10.40 21.43 0.80
CA GLY B 59 -9.90 22.71 0.37
C GLY B 59 -9.62 22.82 -1.11
N ILE B 60 -9.79 21.74 -1.86
CA ILE B 60 -9.53 21.74 -3.30
C ILE B 60 -10.76 22.28 -4.02
N PRO B 61 -10.61 23.23 -4.93
CA PRO B 61 -11.76 23.76 -5.66
C PRO B 61 -12.39 22.70 -6.55
N ALA B 62 -13.66 22.95 -6.90
CA ALA B 62 -14.44 21.99 -7.67
C ALA B 62 -13.93 21.83 -9.10
N ARG B 63 -13.03 22.69 -9.56
CA ARG B 63 -12.51 22.58 -10.91
C ARG B 63 -11.75 21.27 -11.10
N PHE B 64 -10.95 20.87 -10.11
CA PHE B 64 -10.11 19.69 -10.21
C PHE B 64 -10.97 18.45 -10.04
N SER B 65 -11.48 17.93 -11.15
CA SER B 65 -12.31 16.73 -11.15
C SER B 65 -11.51 15.55 -11.68
N GLY B 66 -11.55 14.45 -10.93
CA GLY B 66 -10.81 13.25 -11.31
C GLY B 66 -11.68 12.19 -11.93
N SER B 67 -11.06 11.24 -12.62
CA SER B 67 -11.81 10.19 -13.30
C SER B 67 -10.86 9.02 -13.55
N GLY B 68 -11.45 7.88 -13.88
CA GLY B 68 -10.70 6.70 -14.22
C GLY B 68 -10.88 5.60 -13.19
N SER B 69 -10.49 4.39 -13.58
CA SER B 69 -10.59 3.22 -12.71
C SER B 69 -9.77 2.09 -13.33
N GLY B 70 -8.93 1.46 -12.51
CA GLY B 70 -8.18 0.29 -12.93
C GLY B 70 -6.85 0.58 -13.59
N THR B 71 -6.86 1.01 -14.83
CA THR B 71 -5.59 1.25 -15.53
C THR B 71 -5.52 2.63 -16.17
N GLU B 72 -6.61 3.12 -16.75
CA GLU B 72 -6.62 4.41 -17.43
C GLU B 72 -7.25 5.45 -16.51
N PHE B 73 -6.48 6.46 -16.15
CA PHE B 73 -6.93 7.53 -15.27
C PHE B 73 -6.82 8.87 -15.98
N THR B 74 -7.70 9.79 -15.62
CA THR B 74 -7.77 11.08 -16.29
C THR B 74 -8.16 12.16 -15.30
N LEU B 75 -7.34 13.21 -15.21
CA LEU B 75 -7.63 14.39 -14.42
C LEU B 75 -7.94 15.55 -15.35
N THR B 76 -9.05 16.24 -15.09
CA THR B 76 -9.46 17.38 -15.87
C THR B 76 -9.58 18.61 -14.98
N ILE B 77 -9.10 19.74 -15.49
CA ILE B 77 -9.18 21.02 -14.80
C ILE B 77 -10.05 21.93 -15.65
N SER B 78 -11.16 22.40 -15.09
CA SER B 78 -12.09 23.26 -15.81
C SER B 78 -11.91 24.70 -15.37
N SER B 79 -11.93 25.61 -16.34
CA SER B 79 -11.76 27.05 -16.11
C SER B 79 -10.43 27.33 -15.40
N LEU B 80 -9.35 27.03 -16.13
CA LEU B 80 -8.01 27.25 -15.61
C LEU B 80 -7.77 28.73 -15.32
N GLN B 81 -7.01 29.00 -14.26
CA GLN B 81 -6.53 30.33 -13.94
C GLN B 81 -5.02 30.37 -14.05
N SER B 82 -4.45 31.54 -13.81
CA SER B 82 -3.01 31.70 -13.87
C SER B 82 -2.31 30.93 -12.75
N GLU B 83 -3.01 30.60 -11.67
CA GLU B 83 -2.42 29.91 -10.54
C GLU B 83 -2.45 28.39 -10.68
N ASP B 84 -3.00 27.86 -11.77
CA ASP B 84 -3.00 26.43 -12.01
C ASP B 84 -1.82 25.97 -12.87
N SER B 85 -0.94 26.88 -13.25
CA SER B 85 0.24 26.53 -14.03
C SER B 85 1.25 25.84 -13.12
N ALA B 86 1.22 24.52 -13.09
CA ALA B 86 2.07 23.75 -12.19
C ALA B 86 2.41 22.42 -12.85
N VAL B 87 2.94 21.49 -12.06
CA VAL B 87 3.29 20.15 -12.52
C VAL B 87 2.46 19.16 -11.71
N TYR B 88 1.81 18.24 -12.40
CA TYR B 88 0.85 17.32 -11.80
C TYR B 88 1.39 15.90 -11.83
N TYR B 89 1.44 15.26 -10.68
CA TYR B 89 1.94 13.89 -10.55
C TYR B 89 0.82 12.97 -10.10
N CYS B 90 0.92 11.69 -10.49
CA CYS B 90 -0.04 10.67 -10.09
C CYS B 90 0.68 9.56 -9.36
N GLN B 91 0.05 9.04 -8.31
CA GLN B 91 0.64 8.01 -7.46
C GLN B 91 -0.32 6.86 -7.29
N GLN B 92 0.21 5.64 -7.27
CA GLN B 92 -0.58 4.47 -6.89
C GLN B 92 -0.26 4.07 -5.45
N TYR B 93 -1.30 4.11 -4.63
CA TYR B 93 -1.20 3.47 -3.32
C TYR B 93 -1.87 2.10 -3.39
N SER B 94 -1.42 1.26 -4.32
CA SER B 94 -1.97 -0.08 -4.51
C SER B 94 -0.97 -1.16 -4.10
N ASN B 95 0.23 -1.14 -4.66
CA ASN B 95 1.29 -2.06 -4.28
C ASN B 95 2.27 -1.33 -3.37
N TRP B 96 3.39 -1.99 -3.04
CA TRP B 96 4.38 -1.26 -2.26
C TRP B 96 5.74 -1.09 -2.91
N PRO B 97 5.80 -0.91 -4.22
CA PRO B 97 6.66 0.13 -4.77
C PRO B 97 5.85 1.39 -5.04
N LEU B 98 5.45 2.14 -4.01
CA LEU B 98 4.66 3.34 -4.26
C LEU B 98 5.40 4.24 -5.24
N THR B 99 4.83 4.42 -6.43
CA THR B 99 5.49 5.14 -7.51
C THR B 99 4.69 6.37 -7.90
N PHE B 100 5.39 7.48 -8.07
CA PHE B 100 4.80 8.69 -8.64
C PHE B 100 4.88 8.62 -10.16
N GLY B 101 4.10 9.49 -10.81
CA GLY B 101 4.13 9.58 -12.25
C GLY B 101 5.29 10.42 -12.75
N GLY B 102 5.45 10.43 -14.07
CA GLY B 102 6.49 11.25 -14.68
C GLY B 102 6.23 12.73 -14.56
N GLY B 103 4.99 13.14 -14.39
CA GLY B 103 4.64 14.53 -14.24
C GLY B 103 4.21 15.15 -15.56
N THR B 104 3.31 16.12 -15.47
CA THR B 104 2.81 16.85 -16.64
C THR B 104 2.96 18.34 -16.36
N LYS B 105 3.66 19.04 -17.23
CA LYS B 105 3.91 20.48 -17.07
C LYS B 105 2.77 21.22 -17.76
N VAL B 106 1.83 21.73 -16.97
CA VAL B 106 0.70 22.48 -17.51
C VAL B 106 1.11 23.94 -17.66
N GLU B 107 0.90 24.49 -18.85
CA GLU B 107 1.26 25.86 -19.17
C GLU B 107 0.03 26.61 -19.63
N ILE B 108 -0.09 27.86 -19.21
CA ILE B 108 -1.21 28.71 -19.62
C ILE B 108 -0.77 29.58 -20.79
N LYS B 109 -1.57 29.56 -21.87
CA LYS B 109 -1.29 30.43 -23.01
C LYS B 109 -1.46 31.90 -22.63
N LEU C 1 5.10 -12.15 -17.99
CA LEU C 1 5.26 -12.70 -16.65
C LEU C 1 3.97 -12.57 -15.86
N CYS C 2 3.91 -13.28 -14.73
CA CYS C 2 2.70 -13.29 -13.92
C CYS C 2 2.74 -12.18 -12.88
N PRO C 3 1.59 -11.60 -12.54
CA PRO C 3 1.57 -10.48 -11.57
C PRO C 3 1.55 -10.97 -10.13
N PHE C 4 2.63 -11.65 -9.72
CA PHE C 4 2.77 -11.99 -8.31
C PHE C 4 2.99 -10.76 -7.45
N ASP C 5 3.81 -9.81 -7.91
CA ASP C 5 4.05 -8.60 -7.14
C ASP C 5 2.81 -7.70 -7.04
N GLU C 6 1.80 -7.89 -7.90
CA GLU C 6 0.51 -7.28 -7.64
C GLU C 6 -0.27 -7.97 -6.54
N VAL C 7 0.14 -9.16 -6.13
CA VAL C 7 -0.57 -9.93 -5.11
C VAL C 7 0.12 -9.84 -3.76
N PHE C 8 1.42 -10.11 -3.71
CA PHE C 8 2.13 -10.13 -2.43
C PHE C 8 2.41 -8.73 -1.92
N ASN C 9 2.65 -7.79 -2.82
CA ASN C 9 3.05 -6.44 -2.45
C ASN C 9 1.88 -5.47 -2.38
N ALA C 10 0.65 -5.94 -2.55
CA ALA C 10 -0.50 -5.06 -2.53
C ALA C 10 -0.65 -4.41 -1.16
N THR C 11 -1.03 -3.12 -1.17
CA THR C 11 -1.24 -2.38 0.07
C THR C 11 -2.47 -2.85 0.83
N ARG C 12 -3.55 -3.17 0.12
CA ARG C 12 -4.82 -3.54 0.74
C ARG C 12 -4.98 -5.05 0.70
N PHE C 13 -4.97 -5.67 1.87
CA PHE C 13 -5.39 -7.06 2.00
C PHE C 13 -6.76 -7.13 2.69
N ALA C 14 -7.57 -8.05 2.22
CA ALA C 14 -8.93 -8.17 2.72
C ALA C 14 -8.98 -8.96 4.01
N SER C 15 -10.05 -8.75 4.77
CA SER C 15 -10.28 -9.54 5.97
C SER C 15 -10.52 -10.99 5.60
N VAL C 16 -10.27 -11.89 6.55
CA VAL C 16 -10.27 -13.31 6.25
C VAL C 16 -11.66 -13.78 5.84
N TYR C 17 -12.72 -13.23 6.43
CA TYR C 17 -14.06 -13.66 6.06
C TYR C 17 -14.45 -13.21 4.65
N ALA C 18 -13.81 -12.18 4.13
CA ALA C 18 -14.10 -11.69 2.78
C ALA C 18 -12.84 -11.75 1.92
N TRP C 19 -12.15 -12.88 1.96
CA TRP C 19 -10.87 -13.02 1.28
C TRP C 19 -11.01 -12.78 -0.22
N ASN C 20 -10.00 -12.13 -0.79
CA ASN C 20 -9.97 -11.87 -2.22
C ASN C 20 -9.57 -13.13 -2.99
N ARG C 21 -9.82 -13.11 -4.29
CA ARG C 21 -9.39 -14.18 -5.18
C ARG C 21 -8.96 -13.55 -6.49
N LYS C 22 -7.68 -13.69 -6.83
CA LYS C 22 -7.10 -13.01 -7.98
C LYS C 22 -6.71 -14.03 -9.03
N ARG C 23 -7.24 -13.84 -10.23
CA ARG C 23 -6.94 -14.74 -11.34
C ARG C 23 -5.52 -14.49 -11.86
N ILE C 24 -4.79 -15.58 -12.07
CA ILE C 24 -3.45 -15.54 -12.66
C ILE C 24 -3.48 -16.53 -13.82
N SER C 25 -3.60 -16.02 -15.05
CA SER C 25 -3.68 -16.85 -16.23
C SER C 25 -2.88 -16.24 -17.37
N ASN C 26 -2.41 -17.11 -18.27
CA ASN C 26 -1.73 -16.70 -19.50
C ASN C 26 -0.51 -15.83 -19.19
N CYS C 27 0.43 -16.41 -18.47
CA CYS C 27 1.65 -15.71 -18.11
C CYS C 27 2.71 -16.73 -17.70
N VAL C 28 3.95 -16.27 -17.65
CA VAL C 28 5.08 -17.09 -17.19
C VAL C 28 5.25 -16.83 -15.70
N ALA C 29 5.17 -17.91 -14.91
CA ALA C 29 5.21 -17.81 -13.46
C ALA C 29 6.58 -18.26 -12.97
N ASP C 30 7.41 -17.31 -12.55
CA ASP C 30 8.72 -17.59 -11.99
C ASP C 30 8.54 -17.61 -10.48
N TYR C 31 8.54 -18.81 -9.90
CA TYR C 31 8.35 -18.97 -8.47
C TYR C 31 9.63 -18.79 -7.68
N SER C 32 10.77 -18.62 -8.35
CA SER C 32 12.03 -18.37 -7.65
C SER C 32 12.05 -17.00 -6.99
N VAL C 33 11.18 -16.07 -7.41
CA VAL C 33 11.08 -14.78 -6.75
C VAL C 33 10.43 -14.93 -5.39
N LEU C 34 9.78 -16.06 -5.13
CA LEU C 34 9.13 -16.28 -3.84
C LEU C 34 10.10 -16.87 -2.83
N TYR C 35 10.91 -17.85 -3.26
CA TYR C 35 11.84 -18.50 -2.35
C TYR C 35 12.86 -17.52 -1.80
N ASN C 36 13.43 -16.69 -2.68
CA ASN C 36 14.56 -15.85 -2.29
C ASN C 36 14.12 -14.47 -1.84
N LEU C 37 13.16 -14.40 -0.94
CA LEU C 37 12.79 -13.16 -0.24
C LEU C 37 12.92 -13.44 1.25
N ALA C 38 13.59 -12.55 1.97
CA ALA C 38 13.87 -12.81 3.37
C ALA C 38 12.58 -12.91 4.19
N PRO C 39 11.66 -11.92 4.17
CA PRO C 39 10.41 -12.11 4.90
C PRO C 39 9.35 -12.87 4.09
N PHE C 40 9.29 -14.19 4.31
CA PHE C 40 8.24 -15.17 4.06
C PHE C 40 8.46 -16.28 5.08
N PHE C 41 7.69 -16.28 6.16
CA PHE C 41 8.02 -17.17 7.27
C PHE C 41 7.27 -18.49 7.18
N THR C 42 6.41 -18.63 6.16
CA THR C 42 5.75 -19.91 5.93
C THR C 42 5.44 -20.12 4.45
N PHE C 43 6.34 -20.77 3.73
CA PHE C 43 6.11 -21.17 2.35
C PHE C 43 5.79 -22.66 2.33
N LYS C 44 4.56 -23.00 2.70
CA LYS C 44 4.16 -24.40 2.76
C LYS C 44 3.36 -24.77 1.52
N CYS C 45 3.73 -25.90 0.91
CA CYS C 45 3.09 -26.37 -0.31
C CYS C 45 2.52 -27.77 -0.08
N TYR C 46 1.34 -28.01 -0.63
CA TYR C 46 0.65 -29.27 -0.46
C TYR C 46 0.46 -29.93 -1.82
N GLY C 47 0.96 -31.16 -1.94
CA GLY C 47 0.83 -31.91 -3.18
C GLY C 47 1.85 -31.58 -4.25
N VAL C 48 2.63 -30.51 -4.07
CA VAL C 48 3.66 -30.13 -5.03
C VAL C 48 4.91 -29.76 -4.25
N SER C 49 6.05 -30.26 -4.71
CA SER C 49 7.24 -29.81 -3.98
C SER C 49 7.57 -28.37 -4.35
N PRO C 50 7.94 -27.55 -3.36
CA PRO C 50 8.21 -26.13 -3.67
C PRO C 50 9.34 -25.93 -4.67
N THR C 51 10.36 -26.78 -4.65
CA THR C 51 11.49 -26.63 -5.55
C THR C 51 11.19 -27.04 -6.97
N LYS C 52 10.05 -27.70 -7.23
CA LYS C 52 9.70 -28.15 -8.57
C LYS C 52 8.60 -27.31 -9.21
N LEU C 53 8.32 -26.12 -8.70
CA LEU C 53 7.25 -25.30 -9.26
C LEU C 53 7.62 -24.74 -10.62
N ASN C 54 8.89 -24.45 -10.86
CA ASN C 54 9.31 -23.85 -12.13
C ASN C 54 9.23 -24.81 -13.29
N ASP C 55 9.05 -26.11 -13.05
CA ASP C 55 8.99 -27.10 -14.11
C ASP C 55 7.58 -27.52 -14.48
N LEU C 56 6.56 -26.99 -13.81
CA LEU C 56 5.19 -27.41 -14.00
C LEU C 56 4.36 -26.33 -14.65
N CYS C 57 3.36 -26.76 -15.42
CA CYS C 57 2.37 -25.87 -16.00
C CYS C 57 1.01 -26.15 -15.38
N PHE C 58 0.27 -25.08 -15.11
CA PHE C 58 -1.09 -25.17 -14.60
C PHE C 58 -2.02 -24.38 -15.49
N THR C 59 -3.25 -24.85 -15.62
CA THR C 59 -4.21 -24.15 -16.47
C THR C 59 -4.62 -22.81 -15.85
N ASN C 60 -4.76 -22.76 -14.53
CA ASN C 60 -5.15 -21.57 -13.80
C ASN C 60 -4.34 -21.51 -12.51
N VAL C 61 -4.14 -20.29 -12.01
CA VAL C 61 -3.56 -20.08 -10.68
C VAL C 61 -4.41 -19.03 -9.98
N TYR C 62 -4.96 -19.39 -8.82
CA TYR C 62 -5.77 -18.48 -8.03
C TYR C 62 -5.04 -18.11 -6.75
N ALA C 63 -4.91 -16.82 -6.48
CA ALA C 63 -4.20 -16.32 -5.31
C ALA C 63 -5.23 -15.70 -4.37
N ASP C 64 -5.48 -16.38 -3.25
CA ASP C 64 -6.37 -15.88 -2.21
C ASP C 64 -5.55 -15.20 -1.13
N SER C 65 -5.87 -13.94 -0.86
CA SER C 65 -5.11 -13.14 0.10
C SER C 65 -6.03 -12.63 1.19
N PHE C 66 -5.56 -12.72 2.43
CA PHE C 66 -6.31 -12.26 3.60
C PHE C 66 -5.31 -12.06 4.73
N VAL C 67 -5.80 -11.52 5.85
CA VAL C 67 -4.96 -11.20 7.00
C VAL C 67 -5.55 -11.86 8.24
N ILE C 68 -4.72 -12.66 8.93
CA ILE C 68 -5.07 -13.29 10.18
C ILE C 68 -3.91 -13.06 11.15
N ARG C 69 -4.06 -13.56 12.38
CA ARG C 69 -2.99 -13.48 13.35
C ARG C 69 -2.14 -14.74 13.28
N GLY C 70 -0.99 -14.69 13.97
CA GLY C 70 -0.04 -15.77 13.90
C GLY C 70 -0.58 -17.09 14.42
N ASP C 71 -1.45 -17.02 15.43
CA ASP C 71 -1.95 -18.23 16.06
C ASP C 71 -2.87 -19.03 15.14
N GLU C 72 -3.48 -18.41 14.13
CA GLU C 72 -4.34 -19.14 13.20
C GLU C 72 -3.71 -19.32 11.83
N VAL C 73 -2.40 -19.06 11.68
CA VAL C 73 -1.74 -19.34 10.41
C VAL C 73 -1.70 -20.84 10.16
N ARG C 74 -1.52 -21.63 11.21
CA ARG C 74 -1.55 -23.08 11.08
C ARG C 74 -2.92 -23.59 10.67
N GLN C 75 -3.95 -22.76 10.80
CA GLN C 75 -5.31 -23.17 10.44
C GLN C 75 -5.53 -23.19 8.94
N ILE C 76 -4.66 -22.53 8.17
CA ILE C 76 -4.77 -22.51 6.72
C ILE C 76 -4.03 -23.73 6.18
N ALA C 77 -4.72 -24.87 6.14
CA ALA C 77 -4.15 -26.12 5.67
C ALA C 77 -5.30 -27.09 5.42
N PRO C 78 -5.12 -28.04 4.51
CA PRO C 78 -6.17 -29.05 4.30
C PRO C 78 -6.41 -29.86 5.56
N GLY C 79 -7.68 -30.13 5.84
CA GLY C 79 -8.05 -30.90 7.00
C GLY C 79 -7.75 -30.25 8.33
N GLN C 80 -7.95 -28.95 8.45
CA GLN C 80 -7.78 -28.24 9.71
C GLN C 80 -9.12 -27.71 10.21
N THR C 81 -9.23 -27.54 11.52
CA THR C 81 -10.47 -27.13 12.16
C THR C 81 -10.23 -25.92 13.04
N GLY C 82 -11.28 -25.12 13.21
CA GLY C 82 -11.23 -23.92 14.01
C GLY C 82 -12.00 -22.78 13.36
N ASN C 83 -11.89 -21.61 14.00
CA ASN C 83 -12.70 -20.46 13.58
C ASN C 83 -12.39 -20.04 12.15
N ILE C 84 -11.12 -19.95 11.78
CA ILE C 84 -10.79 -19.55 10.42
C ILE C 84 -11.12 -20.65 9.43
N ALA C 85 -10.77 -21.90 9.76
CA ALA C 85 -11.00 -22.99 8.82
C ALA C 85 -12.48 -23.28 8.65
N ASP C 86 -13.24 -23.30 9.74
CA ASP C 86 -14.63 -23.71 9.66
C ASP C 86 -15.55 -22.60 9.19
N TYR C 87 -15.32 -21.37 9.64
CA TYR C 87 -16.25 -20.28 9.40
C TYR C 87 -15.74 -19.21 8.44
N ASN C 88 -14.44 -19.17 8.15
CA ASN C 88 -13.89 -18.11 7.32
C ASN C 88 -13.29 -18.61 6.02
N TYR C 89 -12.37 -19.57 6.08
CA TYR C 89 -11.68 -20.02 4.87
C TYR C 89 -11.31 -21.49 5.05
N LYS C 90 -11.94 -22.36 4.25
CA LYS C 90 -11.70 -23.80 4.31
C LYS C 90 -10.93 -24.22 3.07
N LEU C 91 -9.86 -24.96 3.26
CA LEU C 91 -9.14 -25.58 2.17
C LEU C 91 -9.60 -27.01 1.98
N PRO C 92 -9.74 -27.47 0.73
CA PRO C 92 -10.19 -28.84 0.49
C PRO C 92 -9.16 -29.85 0.95
N ASP C 93 -9.65 -31.05 1.27
CA ASP C 93 -8.77 -32.11 1.74
C ASP C 93 -7.78 -32.54 0.67
N ASP C 94 -8.13 -32.37 -0.61
CA ASP C 94 -7.26 -32.69 -1.73
C ASP C 94 -6.65 -31.41 -2.32
N PHE C 95 -6.34 -30.45 -1.46
CA PHE C 95 -5.81 -29.17 -1.91
C PHE C 95 -4.43 -29.37 -2.53
N THR C 96 -4.25 -28.83 -3.73
CA THR C 96 -2.96 -28.84 -4.43
C THR C 96 -2.57 -27.39 -4.65
N GLY C 97 -1.54 -26.94 -3.95
CA GLY C 97 -1.12 -25.56 -4.03
C GLY C 97 -0.12 -25.24 -2.94
N CYS C 98 0.09 -23.94 -2.74
CA CYS C 98 1.03 -23.46 -1.75
C CYS C 98 0.38 -22.37 -0.90
N VAL C 99 0.73 -22.35 0.37
CA VAL C 99 0.25 -21.35 1.32
C VAL C 99 1.44 -20.54 1.80
N ILE C 100 1.37 -19.22 1.62
CA ILE C 100 2.47 -18.32 1.91
C ILE C 100 1.98 -17.28 2.92
N ALA C 101 2.69 -17.16 4.04
CA ALA C 101 2.32 -16.22 5.08
C ALA C 101 3.57 -15.55 5.62
N TRP C 102 3.43 -14.27 5.97
CA TRP C 102 4.52 -13.51 6.55
C TRP C 102 3.97 -12.49 7.52
N ASN C 103 4.73 -12.20 8.57
CA ASN C 103 4.31 -11.24 9.58
C ASN C 103 4.30 -9.84 8.99
N SER C 104 3.20 -9.12 9.19
CA SER C 104 3.05 -7.75 8.72
C SER C 104 2.71 -6.80 9.86
N ASN C 105 3.45 -6.91 10.97
CA ASN C 105 3.15 -6.10 12.13
C ASN C 105 3.33 -4.62 11.86
N LYS C 106 4.26 -4.24 10.97
CA LYS C 106 4.49 -2.83 10.70
C LYS C 106 3.44 -2.25 9.75
N LEU C 107 2.68 -3.08 9.05
CA LEU C 107 1.73 -2.63 8.06
C LEU C 107 0.28 -2.71 8.52
N ASP C 108 -0.06 -3.61 9.43
CA ASP C 108 -1.43 -3.87 9.80
C ASP C 108 -1.74 -3.61 11.26
N SER C 109 -0.76 -3.19 12.05
CA SER C 109 -0.97 -2.96 13.47
C SER C 109 -0.85 -1.48 13.80
N LYS C 110 -1.74 -1.01 14.67
CA LYS C 110 -1.78 0.38 15.09
C LYS C 110 -1.76 0.42 16.61
N VAL C 111 -1.07 1.41 17.16
CA VAL C 111 -0.85 1.47 18.62
C VAL C 111 -2.19 1.58 19.34
N SER C 112 -3.13 2.33 18.78
CA SER C 112 -4.46 2.45 19.37
C SER C 112 -5.37 1.28 19.02
N GLY C 113 -4.88 0.31 18.24
CA GLY C 113 -5.68 -0.85 17.87
C GLY C 113 -6.26 -0.77 16.48
N ASN C 114 -5.87 -1.71 15.61
CA ASN C 114 -6.35 -1.74 14.24
C ASN C 114 -7.58 -2.65 14.18
N TYR C 115 -8.76 -2.03 14.09
CA TYR C 115 -10.02 -2.75 14.06
C TYR C 115 -10.50 -3.05 12.65
N ASN C 116 -9.70 -2.74 11.64
CA ASN C 116 -10.15 -2.81 10.25
C ASN C 116 -10.27 -4.24 9.74
N TYR C 117 -9.68 -5.21 10.42
CA TYR C 117 -9.70 -6.60 9.97
C TYR C 117 -10.71 -7.39 10.79
N LEU C 118 -11.59 -8.10 10.10
CA LEU C 118 -12.68 -8.82 10.72
C LEU C 118 -12.58 -10.31 10.42
N TYR C 119 -13.14 -11.11 11.32
CA TYR C 119 -13.28 -12.54 11.11
C TYR C 119 -14.66 -12.97 11.57
N ARG C 120 -15.15 -14.07 11.00
CA ARG C 120 -16.47 -14.58 11.34
C ARG C 120 -16.36 -15.53 12.53
N LEU C 121 -17.10 -15.24 13.59
CA LEU C 121 -17.07 -16.03 14.81
C LEU C 121 -18.18 -17.06 14.90
N PHE C 122 -19.36 -16.74 14.39
CA PHE C 122 -20.54 -17.60 14.51
C PHE C 122 -21.07 -17.94 13.13
N ARG C 123 -21.46 -19.20 12.94
CA ARG C 123 -22.09 -19.63 11.70
C ARG C 123 -22.93 -20.87 11.99
N LYS C 124 -23.97 -21.08 11.18
CA LYS C 124 -24.85 -22.23 11.38
C LYS C 124 -24.11 -23.54 11.11
N SER C 125 -23.29 -23.58 10.06
CA SER C 125 -22.58 -24.79 9.67
C SER C 125 -21.20 -24.43 9.14
N ASN C 126 -20.33 -25.44 9.11
CA ASN C 126 -18.98 -25.24 8.62
C ASN C 126 -18.99 -24.90 7.13
N LEU C 127 -18.01 -24.10 6.72
CA LEU C 127 -17.88 -23.70 5.33
C LEU C 127 -17.38 -24.86 4.48
N LYS C 128 -17.89 -24.92 3.25
CA LYS C 128 -17.33 -25.81 2.25
C LYS C 128 -15.99 -25.26 1.77
N PRO C 129 -15.15 -26.11 1.19
CA PRO C 129 -13.84 -25.63 0.72
C PRO C 129 -14.00 -24.50 -0.29
N PHE C 130 -13.17 -23.47 -0.13
CA PHE C 130 -13.13 -22.31 -1.02
C PHE C 130 -14.45 -21.55 -1.08
N GLU C 131 -15.32 -21.75 -0.09
CA GLU C 131 -16.58 -21.03 -0.05
C GLU C 131 -16.41 -19.74 0.74
N ARG C 132 -17.04 -18.67 0.24
CA ARG C 132 -16.97 -17.35 0.85
C ARG C 132 -18.35 -16.97 1.35
N ASP C 133 -18.43 -16.52 2.60
CA ASP C 133 -19.68 -16.14 3.23
C ASP C 133 -19.53 -14.73 3.78
N ILE C 134 -19.98 -13.73 3.02
CA ILE C 134 -19.90 -12.34 3.42
C ILE C 134 -21.18 -11.86 4.09
N SER C 135 -22.13 -12.77 4.33
CA SER C 135 -23.37 -12.39 4.98
C SER C 135 -23.11 -11.97 6.42
N THR C 136 -23.81 -10.93 6.85
CA THR C 136 -23.68 -10.39 8.21
C THR C 136 -25.01 -10.45 8.94
N GLU C 137 -25.80 -11.48 8.66
CA GLU C 137 -27.07 -11.65 9.34
C GLU C 137 -26.86 -12.02 10.79
N ILE C 138 -27.75 -11.51 11.65
CA ILE C 138 -27.62 -11.72 13.09
C ILE C 138 -27.74 -13.20 13.41
N TYR C 139 -26.70 -13.76 14.01
CA TYR C 139 -26.68 -15.18 14.33
C TYR C 139 -27.61 -15.47 15.49
N GLN C 140 -28.44 -16.50 15.34
CA GLN C 140 -29.41 -16.89 16.37
C GLN C 140 -28.82 -18.04 17.18
N ALA C 141 -28.29 -17.73 18.36
CA ALA C 141 -27.67 -18.74 19.21
C ALA C 141 -28.66 -19.48 20.10
N GLY C 142 -29.90 -19.02 20.19
CA GLY C 142 -30.88 -19.65 21.05
C GLY C 142 -32.15 -20.03 20.32
N ASN C 143 -33.28 -19.92 21.02
CA ASN C 143 -34.58 -20.28 20.46
C ASN C 143 -35.38 -19.07 20.02
N LYS C 144 -35.31 -17.97 20.74
CA LYS C 144 -36.07 -16.78 20.37
C LYS C 144 -35.46 -16.14 19.13
N PRO C 145 -36.26 -15.91 18.08
CA PRO C 145 -35.72 -15.33 16.85
C PRO C 145 -35.14 -13.95 17.09
N CYS C 146 -34.05 -13.65 16.37
CA CYS C 146 -33.38 -12.37 16.53
C CYS C 146 -34.10 -11.24 15.81
N ASN C 147 -34.69 -11.53 14.65
CA ASN C 147 -35.38 -10.53 13.82
C ASN C 147 -34.44 -9.37 13.47
N GLY C 148 -33.16 -9.69 13.25
CA GLY C 148 -32.19 -8.70 12.90
C GLY C 148 -31.73 -7.80 14.02
N VAL C 149 -32.10 -8.11 15.26
CA VAL C 149 -31.74 -7.29 16.41
C VAL C 149 -30.77 -8.08 17.28
N ALA C 150 -29.58 -7.54 17.49
CA ALA C 150 -28.59 -8.19 18.34
C ALA C 150 -28.96 -8.01 19.81
N GLY C 151 -28.49 -8.94 20.63
CA GLY C 151 -28.79 -8.91 22.05
C GLY C 151 -28.44 -10.21 22.75
N PHE C 152 -29.36 -10.72 23.57
CA PHE C 152 -29.16 -11.99 24.26
C PHE C 152 -29.29 -13.14 23.28
N ASN C 153 -28.24 -13.96 23.20
CA ASN C 153 -28.17 -15.08 22.26
C ASN C 153 -28.38 -14.64 20.82
N CYS C 154 -28.12 -13.37 20.53
CA CYS C 154 -28.22 -12.81 19.18
C CYS C 154 -26.92 -12.06 18.92
N TYR C 155 -25.91 -12.77 18.42
CA TYR C 155 -24.58 -12.23 18.25
C TYR C 155 -24.33 -11.90 16.79
N PHE C 156 -23.73 -10.73 16.57
CA PHE C 156 -23.24 -10.38 15.25
C PHE C 156 -22.12 -11.34 14.86
N PRO C 157 -22.16 -11.96 13.69
CA PRO C 157 -21.21 -13.03 13.38
C PRO C 157 -19.77 -12.57 13.24
N LEU C 158 -19.53 -11.28 13.04
CA LEU C 158 -18.18 -10.78 12.76
C LEU C 158 -17.58 -10.15 14.02
N ARG C 159 -16.27 -10.36 14.19
CA ARG C 159 -15.51 -9.79 15.28
C ARG C 159 -14.30 -9.05 14.72
N SER C 160 -13.69 -8.22 15.55
CA SER C 160 -12.54 -7.42 15.16
C SER C 160 -11.27 -8.00 15.75
N TYR C 161 -10.21 -7.99 14.96
CA TYR C 161 -8.93 -8.55 15.41
C TYR C 161 -8.21 -7.68 16.42
N SER C 162 -8.30 -6.35 16.28
CA SER C 162 -7.65 -5.42 17.19
C SER C 162 -6.14 -5.64 17.24
N PHE C 163 -5.49 -5.47 16.09
CA PHE C 163 -4.04 -5.62 15.99
C PHE C 163 -3.32 -4.44 16.62
N ARG C 164 -2.30 -4.71 17.43
CA ARG C 164 -1.43 -3.69 18.01
C ARG C 164 0.03 -4.13 17.92
N PRO C 165 0.97 -3.18 17.79
CA PRO C 165 2.39 -3.56 17.75
C PRO C 165 2.87 -4.24 19.00
N THR C 166 2.32 -3.90 20.17
CA THR C 166 2.81 -4.42 21.44
C THR C 166 2.40 -5.86 21.70
N TYR C 167 1.56 -6.44 20.86
CA TYR C 167 1.12 -7.81 21.06
C TYR C 167 2.25 -8.80 20.79
N GLY C 168 2.07 -10.03 21.28
CA GLY C 168 3.06 -11.05 21.07
C GLY C 168 3.06 -11.54 19.64
N VAL C 169 4.05 -12.40 19.34
CA VAL C 169 4.24 -12.87 17.96
C VAL C 169 3.01 -13.60 17.46
N GLY C 170 2.37 -14.38 18.33
CA GLY C 170 1.17 -15.09 17.92
C GLY C 170 -0.02 -14.20 17.68
N HIS C 171 -0.07 -13.03 18.31
CA HIS C 171 -1.19 -12.11 18.18
C HIS C 171 -0.95 -11.05 17.12
N GLN C 172 0.24 -11.02 16.51
CA GLN C 172 0.48 -10.02 15.48
C GLN C 172 -0.18 -10.43 14.17
N PRO C 173 -0.58 -9.46 13.36
CA PRO C 173 -1.21 -9.78 12.08
C PRO C 173 -0.24 -10.48 11.15
N TYR C 174 -0.77 -11.43 10.38
CA TYR C 174 0.00 -12.16 9.39
C TYR C 174 -0.72 -12.10 8.06
N ARG C 175 -0.02 -11.70 7.01
CA ARG C 175 -0.61 -11.64 5.69
C ARG C 175 -0.41 -12.97 4.98
N VAL C 176 -1.51 -13.60 4.57
CA VAL C 176 -1.50 -14.94 4.02
C VAL C 176 -1.94 -14.85 2.56
N VAL C 177 -1.16 -15.48 1.67
CA VAL C 177 -1.51 -15.62 0.27
C VAL C 177 -1.52 -17.10 -0.08
N VAL C 178 -2.65 -17.59 -0.56
CA VAL C 178 -2.86 -19.00 -0.85
C VAL C 178 -2.89 -19.16 -2.37
N LEU C 179 -1.98 -19.97 -2.90
CA LEU C 179 -1.92 -20.24 -4.33
C LEU C 179 -2.59 -21.57 -4.60
N SER C 180 -3.51 -21.59 -5.56
CA SER C 180 -4.22 -22.80 -5.94
C SER C 180 -3.80 -23.22 -7.34
N PHE C 181 -3.40 -24.48 -7.48
CA PHE C 181 -3.00 -25.04 -8.76
C PHE C 181 -3.91 -26.20 -9.14
N GLU C 182 -4.03 -26.45 -10.43
CA GLU C 182 -4.78 -27.60 -10.92
C GLU C 182 -4.32 -27.99 -12.32
N VAL C 190 -0.30 -20.99 -17.68
CA VAL C 190 0.64 -20.54 -16.66
C VAL C 190 1.80 -21.54 -16.54
N CYS C 191 2.81 -21.37 -17.38
CA CYS C 191 3.96 -22.25 -17.39
C CYS C 191 5.16 -21.56 -16.74
N GLY C 192 5.82 -22.28 -15.83
CA GLY C 192 7.02 -21.75 -15.22
C GLY C 192 8.19 -21.72 -16.19
N LYS C 193 9.12 -20.82 -15.94
CA LYS C 193 10.30 -20.69 -16.78
C LYS C 193 11.41 -19.94 -16.04
#